data_1Q6O
#
_entry.id   1Q6O
#
_cell.length_a   123.240
_cell.length_b   41.775
_cell.length_c   90.958
_cell.angle_alpha   90.00
_cell.angle_beta   97.15
_cell.angle_gamma   90.00
#
_symmetry.space_group_name_H-M   'C 1 2 1'
#
loop_
_entity.id
_entity.type
_entity.pdbx_description
1 polymer '3-keto-L-gulonate 6-phosphate decarboxylase'
2 non-polymer 'MAGNESIUM ION'
3 non-polymer 'L-GULURONIC ACID 6-PHOSPHATE'
4 water water
#
_entity_poly.entity_id   1
_entity_poly.type   'polypeptide(L)'
_entity_poly.pdbx_seq_one_letter_code
;MSLPMLQVALDNQTMDSAYETTRLIAEEVDIIEVGTILCVGEGVRAVRDLKALYPHKIVLADAKIADAGKILSRMCFEAN
ADWVTVICCADINTAKGALDVAKEFNGDVQIELTGYWTWEQAQQWRDAGIGQVVYHRSRDAQAAGVAWGEADITAIKRLS
DMGFKVTVTGGLALEDLPLFKGIPIHVFIAGRSIRDAASPVEAARQFKRSIAELWG
;
_entity_poly.pdbx_strand_id   A,B
#
loop_
_chem_comp.id
_chem_comp.type
_chem_comp.name
_chem_comp.formula
LG6 non-polymer 'L-GULURONIC ACID 6-PHOSPHATE' 'C6 H13 O10 P'
MG non-polymer 'MAGNESIUM ION' 'Mg 2'
#
# COMPACT_ATOMS: atom_id res chain seq x y z
N LEU A 3 25.01 14.06 -10.40
CA LEU A 3 23.90 14.98 -10.09
C LEU A 3 22.68 14.17 -9.62
N PRO A 4 21.89 14.74 -8.71
CA PRO A 4 20.57 14.15 -8.42
C PRO A 4 19.78 13.96 -9.74
N MET A 5 19.15 12.80 -9.90
CA MET A 5 18.28 12.52 -11.04
C MET A 5 16.91 13.15 -10.84
N LEU A 6 16.20 13.29 -11.95
CA LEU A 6 14.83 13.81 -11.95
C LEU A 6 13.85 12.69 -12.32
N GLN A 7 12.86 12.50 -11.46
CA GLN A 7 11.83 11.48 -11.64
C GLN A 7 10.50 12.16 -11.78
N VAL A 8 9.72 11.76 -12.77
CA VAL A 8 8.34 12.22 -12.87
C VAL A 8 7.40 11.17 -12.29
N ALA A 9 6.49 11.60 -11.42
CA ALA A 9 5.47 10.71 -10.87
C ALA A 9 4.21 10.78 -11.72
N LEU A 10 3.79 9.64 -12.24
CA LEU A 10 2.55 9.54 -13.00
C LEU A 10 1.46 9.04 -12.04
N ASP A 11 0.91 9.98 -11.27
CA ASP A 11 -0.22 9.73 -10.38
C ASP A 11 -1.50 10.02 -11.11
N ASN A 12 -1.76 9.21 -12.10
CA ASN A 12 -2.89 9.35 -13.01
C ASN A 12 -3.74 8.13 -12.78
N GLN A 13 -5.04 8.24 -13.08
CA GLN A 13 -5.96 7.13 -12.91
C GLN A 13 -6.05 6.18 -14.09
N THR A 14 -5.67 6.65 -15.28
CA THR A 14 -5.69 5.84 -16.49
C THR A 14 -4.44 6.04 -17.31
N MET A 15 -4.15 5.07 -18.17
CA MET A 15 -2.96 5.15 -18.99
C MET A 15 -3.03 6.35 -19.91
N ASP A 16 -4.17 6.59 -20.54
CA ASP A 16 -4.24 7.69 -21.49
C ASP A 16 -3.96 9.04 -20.84
N SER A 17 -4.42 9.22 -19.60
CA SER A 17 -4.08 10.41 -18.84
C SER A 17 -2.54 10.50 -18.61
N ALA A 18 -1.92 9.38 -18.21
CA ALA A 18 -0.47 9.36 -18.04
C ALA A 18 0.27 9.74 -19.32
N TYR A 19 -0.22 9.26 -20.45
CA TYR A 19 0.42 9.52 -21.73
C TYR A 19 0.36 10.99 -22.14
N GLU A 20 -0.65 11.72 -21.66
CA GLU A 20 -0.72 13.17 -21.89
C GLU A 20 0.52 13.84 -21.32
N THR A 21 1.04 13.30 -20.22
CA THR A 21 2.30 13.79 -19.66
C THR A 21 3.52 13.20 -20.32
N THR A 22 3.57 11.87 -20.45
CA THR A 22 4.79 11.29 -21.00
C THR A 22 5.09 11.73 -22.43
N ARG A 23 4.06 11.98 -23.24
CA ARG A 23 4.31 12.44 -24.61
C ARG A 23 4.98 13.81 -24.65
N LEU A 24 4.88 14.57 -23.57
CA LEU A 24 5.54 15.87 -23.45
C LEU A 24 6.94 15.75 -22.86
N ILE A 25 7.11 14.91 -21.81
CA ILE A 25 8.34 15.02 -20.99
C ILE A 25 9.14 13.75 -20.77
N ALA A 26 8.79 12.64 -21.42
CA ALA A 26 9.55 11.40 -21.17
C ALA A 26 11.05 11.56 -21.38
N GLU A 27 11.45 12.33 -22.38
CA GLU A 27 12.87 12.50 -22.69
C GLU A 27 13.51 13.60 -21.85
N GLU A 28 12.72 14.27 -21.04
CA GLU A 28 13.21 15.35 -20.19
C GLU A 28 13.51 14.95 -18.75
N VAL A 29 13.27 13.67 -18.43
CA VAL A 29 13.48 13.12 -17.09
C VAL A 29 14.33 11.87 -17.16
N ASP A 30 14.82 11.40 -16.00
CA ASP A 30 15.62 10.19 -15.92
C ASP A 30 14.82 8.94 -15.54
N ILE A 31 13.80 9.12 -14.72
CA ILE A 31 13.01 8.03 -14.15
C ILE A 31 11.53 8.35 -14.38
N ILE A 32 10.81 7.33 -14.85
CA ILE A 32 9.38 7.38 -15.01
C ILE A 32 8.75 6.51 -13.95
N GLU A 33 7.96 7.13 -13.08
CA GLU A 33 7.25 6.44 -12.03
C GLU A 33 5.81 6.15 -12.42
N VAL A 34 5.43 4.89 -12.24
CA VAL A 34 4.05 4.47 -12.20
C VAL A 34 3.59 4.75 -10.79
N GLY A 35 2.81 5.80 -10.62
CA GLY A 35 2.40 6.20 -9.29
C GLY A 35 1.50 5.17 -8.65
N THR A 36 1.37 5.22 -7.34
CA THR A 36 0.45 4.33 -6.67
C THR A 36 -0.96 4.46 -7.24
N ILE A 37 -1.37 5.69 -7.56
CA ILE A 37 -2.67 5.97 -8.11
C ILE A 37 -2.86 5.25 -9.46
N LEU A 38 -1.83 5.21 -10.28
CA LEU A 38 -1.89 4.53 -11.56
C LEU A 38 -1.84 3.01 -11.38
N CYS A 39 -1.10 2.49 -10.42
CA CYS A 39 -1.08 1.07 -10.11
C CYS A 39 -2.50 0.67 -9.70
N VAL A 40 -3.17 1.46 -8.86
CA VAL A 40 -4.52 1.13 -8.44
C VAL A 40 -5.54 1.35 -9.56
N GLY A 41 -5.34 2.34 -10.41
CA GLY A 41 -6.26 2.60 -11.48
C GLY A 41 -6.25 1.53 -12.56
N GLU A 42 -5.05 1.15 -13.00
CA GLU A 42 -4.87 0.30 -14.18
C GLU A 42 -4.24 -1.06 -13.89
N GLY A 43 -3.63 -1.20 -12.72
CA GLY A 43 -2.86 -2.38 -12.40
C GLY A 43 -1.51 -2.41 -13.08
N VAL A 44 -0.84 -3.53 -12.94
CA VAL A 44 0.54 -3.67 -13.29
C VAL A 44 0.79 -3.61 -14.80
N ARG A 45 -0.25 -3.71 -15.61
CA ARG A 45 -0.09 -3.44 -17.01
C ARG A 45 0.53 -2.04 -17.23
N ALA A 46 0.32 -1.11 -16.30
CA ALA A 46 0.86 0.22 -16.46
C ALA A 46 2.39 0.19 -16.50
N VAL A 47 2.98 -0.66 -15.67
CA VAL A 47 4.42 -0.86 -15.65
C VAL A 47 4.92 -1.46 -16.96
N ARG A 48 4.25 -2.52 -17.40
CA ARG A 48 4.65 -3.20 -18.63
C ARG A 48 4.56 -2.26 -19.84
N ASP A 49 3.47 -1.52 -19.92
CA ASP A 49 3.23 -0.63 -21.04
C ASP A 49 4.25 0.51 -21.05
N LEU A 50 4.51 1.12 -19.91
CA LEU A 50 5.42 2.23 -19.86
C LEU A 50 6.87 1.79 -20.12
N LYS A 51 7.28 0.63 -19.61
CA LYS A 51 8.63 0.16 -19.90
C LYS A 51 8.79 -0.16 -21.40
N ALA A 52 7.75 -0.68 -22.04
CA ALA A 52 7.79 -0.96 -23.47
C ALA A 52 7.93 0.33 -24.27
N LEU A 53 7.29 1.40 -23.83
CA LEU A 53 7.41 2.69 -24.51
C LEU A 53 8.76 3.35 -24.28
N TYR A 54 9.30 3.21 -23.07
CA TYR A 54 10.47 3.97 -22.63
C TYR A 54 11.51 3.02 -22.03
N PRO A 55 12.00 2.06 -22.82
CA PRO A 55 12.86 0.99 -22.28
C PRO A 55 14.24 1.49 -21.81
N HIS A 56 14.61 2.67 -22.30
CA HIS A 56 15.88 3.33 -21.96
C HIS A 56 15.81 4.17 -20.68
N LYS A 57 14.63 4.24 -20.07
CA LYS A 57 14.44 4.95 -18.83
C LYS A 57 14.27 3.95 -17.68
N ILE A 58 14.65 4.38 -16.49
CA ILE A 58 14.34 3.65 -15.29
C ILE A 58 12.84 3.79 -15.02
N VAL A 59 12.18 2.64 -14.82
CA VAL A 59 10.75 2.62 -14.51
C VAL A 59 10.60 2.14 -13.08
N LEU A 60 10.00 3.00 -12.26
CA LEU A 60 9.75 2.76 -10.85
C LEU A 60 8.28 2.45 -10.66
N ALA A 61 7.94 1.31 -10.06
CA ALA A 61 6.58 0.97 -9.68
C ALA A 61 6.37 1.37 -8.24
N ASP A 62 5.58 2.42 -8.01
CA ASP A 62 5.36 2.91 -6.65
C ASP A 62 4.21 2.11 -6.02
N ALA A 63 4.48 0.83 -5.78
CA ALA A 63 3.48 -0.07 -5.29
C ALA A 63 3.29 -0.04 -3.80
N LYS A 64 4.25 0.50 -3.05
CA LYS A 64 4.15 0.61 -1.59
C LYS A 64 3.79 -0.74 -0.96
N ILE A 65 4.54 -1.75 -1.37
CA ILE A 65 4.30 -3.13 -0.95
C ILE A 65 4.35 -3.22 0.58
N ALA A 66 3.31 -3.83 1.16
CA ALA A 66 3.16 -3.87 2.61
C ALA A 66 3.31 -5.24 3.22
N ASP A 67 3.14 -6.29 2.41
CA ASP A 67 3.25 -7.68 2.85
C ASP A 67 3.26 -8.52 1.58
N ALA A 68 3.54 -9.81 1.72
CA ALA A 68 3.69 -10.72 0.59
C ALA A 68 4.76 -10.19 -0.38
N GLY A 69 5.89 -9.82 0.19
CA GLY A 69 6.92 -9.10 -0.52
C GLY A 69 7.40 -9.79 -1.79
N LYS A 70 7.66 -11.09 -1.70
CA LYS A 70 8.16 -11.80 -2.86
C LYS A 70 7.09 -11.91 -3.94
N ILE A 71 5.82 -12.01 -3.54
CA ILE A 71 4.75 -12.18 -4.51
C ILE A 71 4.48 -10.88 -5.28
N LEU A 72 4.27 -9.79 -4.55
CA LEU A 72 3.99 -8.52 -5.22
C LEU A 72 5.19 -8.02 -5.99
N SER A 73 6.38 -8.19 -5.43
CA SER A 73 7.57 -7.75 -6.15
C SER A 73 7.74 -8.54 -7.44
N ARG A 74 7.55 -9.86 -7.42
CA ARG A 74 7.69 -10.62 -8.65
C ARG A 74 6.67 -10.15 -9.71
N MET A 75 5.45 -9.83 -9.29
CA MET A 75 4.46 -9.31 -10.26
C MET A 75 4.98 -8.04 -10.94
N CYS A 76 5.55 -7.14 -10.16
CA CYS A 76 6.08 -5.91 -10.71
C CYS A 76 7.29 -6.12 -11.60
N PHE A 77 8.20 -6.99 -11.18
CA PHE A 77 9.41 -7.25 -11.94
C PHE A 77 9.12 -8.08 -13.19
N GLU A 78 8.12 -8.95 -13.15
CA GLU A 78 7.69 -9.66 -14.36
C GLU A 78 7.07 -8.70 -15.39
N ALA A 79 6.54 -7.57 -14.93
CA ALA A 79 6.05 -6.50 -15.78
C ALA A 79 7.16 -5.52 -16.20
N ASN A 80 8.41 -5.85 -15.87
CA ASN A 80 9.60 -5.16 -16.34
C ASN A 80 9.94 -3.88 -15.58
N ALA A 81 9.46 -3.77 -14.34
CA ALA A 81 9.92 -2.68 -13.47
C ALA A 81 11.42 -2.78 -13.26
N ASP A 82 12.06 -1.63 -13.10
CA ASP A 82 13.43 -1.58 -12.62
C ASP A 82 13.50 -1.50 -11.10
N TRP A 83 12.68 -0.65 -10.51
CA TRP A 83 12.65 -0.43 -9.08
C TRP A 83 11.22 -0.56 -8.59
N VAL A 84 11.06 -0.95 -7.33
CA VAL A 84 9.76 -1.05 -6.69
C VAL A 84 9.86 -0.44 -5.29
N THR A 85 8.77 0.10 -4.77
CA THR A 85 8.72 0.59 -3.41
C THR A 85 8.00 -0.37 -2.46
N VAL A 86 8.52 -0.37 -1.23
CA VAL A 86 8.03 -1.14 -0.10
C VAL A 86 7.72 -0.13 1.00
N ILE A 87 6.53 -0.15 1.55
CA ILE A 87 6.17 0.85 2.55
C ILE A 87 6.95 0.61 3.86
N CYS A 88 7.28 1.69 4.53
CA CYS A 88 8.14 1.66 5.71
C CYS A 88 7.62 0.80 6.85
N CYS A 89 6.31 0.63 7.00
CA CYS A 89 5.79 -0.15 8.10
C CYS A 89 5.68 -1.64 7.80
N ALA A 90 6.11 -2.08 6.62
CA ALA A 90 6.11 -3.50 6.29
C ALA A 90 7.01 -4.24 7.28
N ASP A 91 6.67 -5.48 7.58
CA ASP A 91 7.56 -6.36 8.32
C ASP A 91 8.91 -6.44 7.63
N ILE A 92 9.99 -6.52 8.40
CA ILE A 92 11.30 -6.59 7.77
C ILE A 92 11.43 -7.72 6.76
N ASN A 93 10.74 -8.85 7.02
CA ASN A 93 10.79 -9.97 6.08
C ASN A 93 10.13 -9.65 4.73
N THR A 94 9.21 -8.71 4.72
CA THR A 94 8.62 -8.23 3.46
C THR A 94 9.65 -7.48 2.63
N ALA A 95 10.38 -6.57 3.27
CA ALA A 95 11.44 -5.86 2.57
C ALA A 95 12.49 -6.83 2.06
N LYS A 96 12.89 -7.79 2.90
CA LYS A 96 13.87 -8.79 2.49
C LYS A 96 13.40 -9.63 1.31
N GLY A 97 12.13 -10.03 1.32
CA GLY A 97 11.61 -10.85 0.24
C GLY A 97 11.55 -10.08 -1.07
N ALA A 98 11.11 -8.84 -1.01
CA ALA A 98 11.08 -7.98 -2.20
C ALA A 98 12.48 -7.76 -2.76
N LEU A 99 13.45 -7.54 -1.86
CA LEU A 99 14.82 -7.35 -2.30
C LEU A 99 15.42 -8.62 -2.94
N ASP A 100 15.11 -9.80 -2.39
CA ASP A 100 15.59 -11.04 -2.98
C ASP A 100 15.09 -11.20 -4.40
N VAL A 101 13.82 -10.91 -4.63
CA VAL A 101 13.26 -10.99 -5.96
C VAL A 101 13.87 -9.90 -6.86
N ALA A 102 14.02 -8.69 -6.35
CA ALA A 102 14.58 -7.62 -7.16
C ALA A 102 15.95 -8.04 -7.70
N LYS A 103 16.75 -8.69 -6.86
CA LYS A 103 18.10 -9.07 -7.28
C LYS A 103 18.04 -10.07 -8.43
N GLU A 104 17.02 -10.95 -8.43
CA GLU A 104 16.86 -11.88 -9.55
C GLU A 104 16.67 -11.21 -10.90
N PHE A 105 16.07 -10.02 -10.87
CA PHE A 105 15.75 -9.25 -12.07
C PHE A 105 16.71 -8.09 -12.31
N ASN A 106 17.81 -8.05 -11.56
CA ASN A 106 18.76 -6.95 -11.63
C ASN A 106 18.11 -5.60 -11.37
N GLY A 107 17.12 -5.62 -10.47
CA GLY A 107 16.38 -4.44 -10.05
C GLY A 107 16.73 -4.03 -8.64
N ASP A 108 15.92 -3.16 -8.06
CA ASP A 108 16.15 -2.65 -6.72
C ASP A 108 14.85 -2.33 -6.02
N VAL A 109 14.95 -2.20 -4.71
CA VAL A 109 13.87 -1.88 -3.81
C VAL A 109 14.16 -0.55 -3.10
N GLN A 110 13.15 0.28 -2.96
CA GLN A 110 13.22 1.47 -2.14
C GLN A 110 12.23 1.36 -1.01
N ILE A 111 12.63 1.77 0.20
CA ILE A 111 11.68 1.91 1.28
C ILE A 111 11.02 3.26 1.20
N GLU A 112 9.70 3.25 1.17
CA GLU A 112 8.92 4.45 1.08
C GLU A 112 8.63 4.96 2.49
N LEU A 113 9.19 6.11 2.82
CA LEU A 113 9.05 6.71 4.14
C LEU A 113 7.87 7.68 4.02
N THR A 114 6.69 7.04 3.91
CA THR A 114 5.42 7.73 3.82
C THR A 114 4.73 7.42 5.15
N GLY A 115 4.54 8.46 5.97
CA GLY A 115 3.95 8.32 7.29
C GLY A 115 4.97 7.99 8.37
N TYR A 116 4.54 7.21 9.37
CA TYR A 116 5.32 6.93 10.57
C TYR A 116 6.32 5.79 10.40
N TRP A 117 7.55 6.01 10.86
CA TRP A 117 8.60 5.02 10.91
C TRP A 117 9.62 5.42 12.00
N THR A 118 10.52 4.50 12.34
CA THR A 118 11.50 4.74 13.40
C THR A 118 12.94 4.56 12.94
N TRP A 119 13.85 5.15 13.71
CA TRP A 119 15.27 5.03 13.39
C TRP A 119 15.78 3.59 13.56
N GLU A 120 15.15 2.86 14.48
CA GLU A 120 15.46 1.45 14.63
C GLU A 120 15.12 0.68 13.35
N GLN A 121 13.97 0.98 12.75
CA GLN A 121 13.59 0.34 11.47
C GLN A 121 14.61 0.67 10.39
N ALA A 122 15.10 1.92 10.40
CA ALA A 122 16.06 2.32 9.39
C ALA A 122 17.34 1.50 9.49
N GLN A 123 17.81 1.21 10.70
CA GLN A 123 18.96 0.33 10.85
C GLN A 123 18.68 -1.10 10.35
N GLN A 124 17.47 -1.60 10.62
CA GLN A 124 17.08 -2.90 10.11
C GLN A 124 17.13 -2.95 8.58
N TRP A 125 16.66 -1.89 7.91
CA TRP A 125 16.69 -1.86 6.45
C TRP A 125 18.13 -1.92 5.94
N ARG A 126 19.01 -1.16 6.57
CA ARG A 126 20.41 -1.16 6.20
C ARG A 126 21.03 -2.56 6.38
N ASP A 127 20.75 -3.18 7.53
CA ASP A 127 21.27 -4.52 7.82
C ASP A 127 20.77 -5.55 6.82
N ALA A 128 19.57 -5.32 6.29
CA ALA A 128 18.96 -6.21 5.30
C ALA A 128 19.49 -5.99 3.89
N GLY A 129 20.32 -4.98 3.69
CA GLY A 129 20.89 -4.72 2.39
C GLY A 129 20.11 -3.72 1.54
N ILE A 130 19.13 -3.04 2.13
CA ILE A 130 18.39 -2.00 1.41
C ILE A 130 19.31 -0.79 1.24
N GLY A 131 19.38 -0.27 0.02
CA GLY A 131 20.24 0.85 -0.28
C GLY A 131 19.55 2.11 -0.74
N GLN A 132 18.21 2.13 -0.78
CA GLN A 132 17.45 3.30 -1.20
C GLN A 132 16.28 3.54 -0.28
N VAL A 133 16.05 4.79 0.08
CA VAL A 133 14.84 5.22 0.77
C VAL A 133 14.26 6.45 0.09
N VAL A 134 12.96 6.59 0.20
CA VAL A 134 12.23 7.72 -0.35
C VAL A 134 11.68 8.54 0.81
N TYR A 135 12.27 9.72 1.03
CA TYR A 135 11.82 10.62 2.09
C TYR A 135 10.67 11.43 1.53
N HIS A 136 9.46 11.13 2.00
CA HIS A 136 8.24 11.64 1.39
C HIS A 136 7.44 12.46 2.36
N ARG A 137 7.29 13.76 2.07
CA ARG A 137 6.28 14.57 2.75
C ARG A 137 4.92 14.21 2.18
N SER A 138 4.05 13.63 2.99
CA SER A 138 2.75 13.16 2.53
C SER A 138 1.97 14.29 1.88
N ARG A 139 1.29 13.98 0.79
CA ARG A 139 0.39 14.94 0.14
C ARG A 139 -0.70 15.40 1.11
N ASP A 140 -1.23 14.47 1.92
CA ASP A 140 -2.28 14.83 2.86
C ASP A 140 -1.75 15.68 4.02
N ALA A 141 -0.51 15.47 4.41
CA ALA A 141 0.11 16.30 5.43
C ALA A 141 0.34 17.71 4.85
N GLN A 142 0.88 17.78 3.63
CA GLN A 142 1.02 19.04 2.91
C GLN A 142 -0.30 19.80 2.85
N ALA A 143 -1.40 19.12 2.53
CA ALA A 143 -2.70 19.78 2.38
C ALA A 143 -3.21 20.29 3.72
N ALA A 144 -2.77 19.66 4.81
CA ALA A 144 -3.11 20.09 6.18
C ALA A 144 -2.15 21.17 6.69
N GLY A 145 -1.28 21.68 5.83
CA GLY A 145 -0.42 22.80 6.12
C GLY A 145 1.02 22.48 6.53
N VAL A 146 1.45 21.22 6.42
CA VAL A 146 2.79 20.85 6.82
C VAL A 146 3.80 21.25 5.75
N ALA A 147 4.74 22.11 6.09
CA ALA A 147 5.78 22.58 5.22
C ALA A 147 7.01 21.70 5.34
N TRP A 148 7.86 21.76 4.33
CA TRP A 148 9.21 21.23 4.42
C TRP A 148 9.94 22.11 5.44
N GLY A 149 10.80 21.51 6.25
CA GLY A 149 11.50 22.25 7.29
C GLY A 149 12.80 21.62 7.74
N GLU A 150 13.42 22.26 8.73
CA GLU A 150 14.71 21.82 9.22
C GLU A 150 14.74 20.38 9.71
N ALA A 151 13.68 19.93 10.35
CA ALA A 151 13.65 18.57 10.87
C ALA A 151 13.77 17.57 9.71
N ASP A 152 13.16 17.89 8.56
CA ASP A 152 13.30 17.04 7.38
C ASP A 152 14.72 17.02 6.84
N ILE A 153 15.37 18.18 6.79
CA ILE A 153 16.75 18.24 6.34
C ILE A 153 17.68 17.41 7.25
N THR A 154 17.49 17.54 8.56
CA THR A 154 18.33 16.76 9.48
C THR A 154 18.10 15.26 9.30
N ALA A 155 16.84 14.83 9.11
CA ALA A 155 16.53 13.41 8.90
C ALA A 155 17.13 12.88 7.58
N ILE A 156 17.02 13.68 6.52
CA ILE A 156 17.56 13.31 5.22
C ILE A 156 19.08 13.11 5.30
N LYS A 157 19.77 14.05 5.97
CA LYS A 157 21.21 13.94 6.13
C LYS A 157 21.56 12.71 6.94
N ARG A 158 20.78 12.43 7.98
CA ARG A 158 21.02 11.26 8.81
C ARG A 158 20.88 9.97 8.00
N LEU A 159 19.83 9.90 7.17
CA LEU A 159 19.65 8.75 6.29
C LEU A 159 20.79 8.58 5.31
N SER A 160 21.22 9.69 4.72
CA SER A 160 22.32 9.64 3.78
C SER A 160 23.59 9.13 4.50
N ASP A 161 23.83 9.61 5.73
CA ASP A 161 25.01 9.20 6.50
C ASP A 161 24.97 7.72 6.88
N MET A 162 23.79 7.13 6.97
CA MET A 162 23.64 5.69 7.24
C MET A 162 23.99 4.85 6.03
N GLY A 163 24.14 5.49 4.86
CA GLY A 163 24.51 4.82 3.63
C GLY A 163 23.39 4.62 2.62
N PHE A 164 22.21 5.14 2.90
CA PHE A 164 21.15 5.09 1.90
C PHE A 164 21.36 6.13 0.82
N LYS A 165 20.97 5.79 -0.41
CA LYS A 165 20.71 6.77 -1.48
C LYS A 165 19.30 7.28 -1.25
N VAL A 166 19.16 8.57 -1.01
CA VAL A 166 17.92 9.17 -0.60
C VAL A 166 17.25 9.88 -1.76
N THR A 167 15.99 9.55 -1.99
CA THR A 167 15.08 10.31 -2.86
C THR A 167 14.27 11.26 -2.01
N VAL A 168 14.08 12.48 -2.49
CA VAL A 168 13.25 13.47 -1.83
C VAL A 168 12.03 13.75 -2.68
N THR A 169 10.87 13.81 -2.03
CA THR A 169 9.61 14.00 -2.75
C THR A 169 8.52 14.47 -1.82
N GLY A 170 7.55 15.16 -2.41
CA GLY A 170 6.31 15.47 -1.74
C GLY A 170 5.89 16.89 -2.00
N GLY A 171 5.21 17.10 -3.11
CA GLY A 171 4.78 18.41 -3.51
C GLY A 171 5.91 19.38 -3.75
N LEU A 172 7.05 18.89 -4.23
CA LEU A 172 8.16 19.78 -4.50
C LEU A 172 7.84 20.73 -5.62
N ALA A 173 8.25 21.98 -5.40
CA ALA A 173 8.24 23.06 -6.38
C ALA A 173 9.68 23.41 -6.70
N LEU A 174 9.90 24.09 -7.82
CA LEU A 174 11.24 24.48 -8.19
C LEU A 174 11.98 25.20 -7.04
N GLU A 175 11.24 26.04 -6.33
CA GLU A 175 11.80 26.93 -5.31
C GLU A 175 12.24 26.16 -4.06
N ASP A 176 11.80 24.91 -3.90
CA ASP A 176 12.20 24.08 -2.76
C ASP A 176 13.58 23.48 -2.88
N LEU A 177 14.13 23.37 -4.08
CA LEU A 177 15.37 22.64 -4.26
C LEU A 177 16.55 23.16 -3.40
N PRO A 178 16.76 24.47 -3.27
CA PRO A 178 17.86 24.96 -2.43
C PRO A 178 17.84 24.51 -0.97
N LEU A 179 16.69 24.11 -0.44
CA LEU A 179 16.62 23.58 0.93
C LEU A 179 17.58 22.41 1.13
N PHE A 180 17.80 21.64 0.06
CA PHE A 180 18.50 20.38 0.12
C PHE A 180 19.94 20.47 -0.35
N LYS A 181 20.40 21.69 -0.64
CA LYS A 181 21.74 21.91 -1.19
C LYS A 181 22.82 21.31 -0.27
N GLY A 182 23.83 20.72 -0.89
CA GLY A 182 24.96 20.15 -0.16
C GLY A 182 24.77 18.73 0.32
N ILE A 183 23.57 18.18 0.17
CA ILE A 183 23.29 16.79 0.53
C ILE A 183 23.32 15.99 -0.76
N PRO A 184 23.95 14.84 -0.77
CA PRO A 184 24.04 14.05 -2.01
C PRO A 184 22.76 13.26 -2.37
N ILE A 185 21.73 14.02 -2.65
CA ILE A 185 20.40 13.48 -2.97
C ILE A 185 20.51 12.61 -4.23
N HIS A 186 19.90 11.42 -4.22
CA HIS A 186 19.96 10.53 -5.35
C HIS A 186 18.97 10.94 -6.45
N VAL A 187 17.76 11.30 -6.04
CA VAL A 187 16.65 11.62 -6.96
C VAL A 187 15.75 12.66 -6.31
N PHE A 188 15.27 13.63 -7.10
CA PHE A 188 14.13 14.43 -6.76
C PHE A 188 12.94 13.98 -7.64
N ILE A 189 11.80 13.78 -7.00
CA ILE A 189 10.56 13.47 -7.71
C ILE A 189 9.68 14.71 -7.79
N ALA A 190 9.10 14.93 -8.96
CA ALA A 190 8.03 15.88 -9.13
C ALA A 190 6.87 15.22 -9.87
N GLY A 191 5.70 15.30 -9.26
CA GLY A 191 4.48 14.84 -9.85
C GLY A 191 3.70 16.07 -10.32
N ARG A 192 2.90 16.63 -9.41
CA ARG A 192 2.04 17.76 -9.75
C ARG A 192 2.81 18.93 -10.40
N SER A 193 4.00 19.27 -9.90
CA SER A 193 4.68 20.46 -10.41
C SER A 193 5.17 20.29 -11.85
N ILE A 194 5.24 19.06 -12.35
CA ILE A 194 5.49 18.82 -13.77
C ILE A 194 4.18 18.60 -14.54
N ARG A 195 3.36 17.66 -14.08
CA ARG A 195 2.19 17.29 -14.85
C ARG A 195 1.22 18.44 -15.02
N ASP A 196 1.06 19.25 -13.99
CA ASP A 196 0.01 20.26 -13.95
C ASP A 196 0.52 21.66 -14.29
N ALA A 197 1.77 21.75 -14.67
CA ALA A 197 2.35 23.03 -15.06
C ALA A 197 1.75 23.51 -16.38
N ALA A 198 1.66 24.82 -16.56
CA ALA A 198 1.27 25.40 -17.83
C ALA A 198 2.13 24.86 -18.97
N SER A 199 3.43 24.70 -18.70
CA SER A 199 4.36 24.11 -19.62
C SER A 199 5.13 23.00 -18.93
N PRO A 200 4.67 21.75 -19.03
CA PRO A 200 5.42 20.65 -18.44
C PRO A 200 6.87 20.52 -18.91
N VAL A 201 7.15 20.83 -20.19
CA VAL A 201 8.52 20.77 -20.69
C VAL A 201 9.40 21.81 -19.97
N GLU A 202 8.91 23.05 -19.87
CA GLU A 202 9.66 24.09 -19.15
C GLU A 202 9.82 23.71 -17.68
N ALA A 203 8.79 23.17 -17.06
CA ALA A 203 8.92 22.75 -15.65
C ALA A 203 10.01 21.71 -15.46
N ALA A 204 10.05 20.68 -16.29
CA ALA A 204 11.07 19.66 -16.17
C ALA A 204 12.47 20.22 -16.42
N ARG A 205 12.60 21.06 -17.45
CA ARG A 205 13.90 21.63 -17.77
C ARG A 205 14.37 22.58 -16.68
N GLN A 206 13.45 23.30 -16.05
CA GLN A 206 13.83 24.18 -14.95
C GLN A 206 14.33 23.38 -13.76
N PHE A 207 13.69 22.25 -13.44
CA PHE A 207 14.18 21.37 -12.38
C PHE A 207 15.59 20.91 -12.71
N LYS A 208 15.81 20.44 -13.93
CA LYS A 208 17.15 19.97 -14.30
C LYS A 208 18.20 21.08 -14.23
N ARG A 209 17.84 22.28 -14.68
CA ARG A 209 18.79 23.41 -14.69
C ARG A 209 19.17 23.77 -13.27
N SER A 210 18.18 23.81 -12.38
CA SER A 210 18.44 24.19 -11.01
C SER A 210 19.28 23.12 -10.31
N ILE A 211 18.98 21.84 -10.54
CA ILE A 211 19.80 20.77 -9.99
C ILE A 211 21.25 20.90 -10.46
N ALA A 212 21.46 21.13 -11.75
CA ALA A 212 22.79 21.31 -12.31
C ALA A 212 23.53 22.49 -11.65
N GLU A 213 22.80 23.58 -11.36
CA GLU A 213 23.42 24.76 -10.73
C GLU A 213 23.81 24.47 -9.28
N LEU A 214 22.92 23.80 -8.55
CA LEU A 214 23.06 23.62 -7.10
C LEU A 214 24.00 22.50 -6.74
N TRP A 215 24.14 21.50 -7.61
CA TRP A 215 24.97 20.31 -7.38
C TRP A 215 26.15 20.27 -8.35
N SER B 2 -22.49 -11.41 18.81
CA SER B 2 -22.67 -11.83 17.39
C SER B 2 -21.55 -12.79 16.98
N LEU B 3 -21.86 -13.67 16.07
CA LEU B 3 -20.84 -14.52 15.49
C LEU B 3 -19.87 -13.66 14.69
N PRO B 4 -18.59 -13.92 14.82
CA PRO B 4 -17.65 -13.43 13.82
C PRO B 4 -18.12 -13.77 12.41
N MET B 5 -18.05 -12.79 11.50
CA MET B 5 -18.33 -13.04 10.08
C MET B 5 -17.08 -13.65 9.40
N LEU B 6 -17.27 -14.19 8.20
CA LEU B 6 -16.21 -14.80 7.41
C LEU B 6 -16.01 -13.97 6.14
N GLN B 7 -14.75 -13.64 5.89
CA GLN B 7 -14.33 -12.88 4.70
C GLN B 7 -13.36 -13.75 3.92
N VAL B 8 -13.56 -13.82 2.62
CA VAL B 8 -12.60 -14.45 1.74
C VAL B 8 -11.72 -13.39 1.13
N ALA B 9 -10.41 -13.59 1.20
CA ALA B 9 -9.44 -12.72 0.55
C ALA B 9 -9.09 -13.25 -0.82
N LEU B 10 -9.38 -12.46 -1.84
CA LEU B 10 -9.01 -12.80 -3.22
C LEU B 10 -7.66 -12.18 -3.52
N ASP B 11 -6.61 -12.86 -3.07
CA ASP B 11 -5.23 -12.46 -3.33
C ASP B 11 -4.73 -13.13 -4.59
N ASN B 12 -5.34 -12.75 -5.69
CA ASN B 12 -5.13 -13.30 -7.03
C ASN B 12 -4.60 -12.20 -7.89
N GLN B 13 -3.86 -12.59 -8.95
CA GLN B 13 -3.25 -11.62 -9.83
C GLN B 13 -4.12 -11.20 -11.01
N THR B 14 -5.15 -12.00 -11.33
CA THR B 14 -6.09 -11.71 -12.40
C THR B 14 -7.49 -12.05 -11.98
N MET B 15 -8.45 -11.44 -12.66
CA MET B 15 -9.85 -11.64 -12.31
C MET B 15 -10.25 -13.08 -12.53
N ASP B 16 -9.79 -13.72 -13.60
CA ASP B 16 -10.25 -15.09 -13.88
C ASP B 16 -9.83 -16.06 -12.78
N SER B 17 -8.65 -15.85 -12.22
CA SER B 17 -8.18 -16.64 -11.09
C SER B 17 -9.09 -16.38 -9.87
N ALA B 18 -9.44 -15.13 -9.60
CA ALA B 18 -10.35 -14.82 -8.52
C ALA B 18 -11.71 -15.50 -8.71
N TYR B 19 -12.22 -15.52 -9.94
CA TYR B 19 -13.53 -16.09 -10.20
C TYR B 19 -13.56 -17.60 -9.99
N GLU B 20 -12.43 -18.27 -10.18
CA GLU B 20 -12.35 -19.70 -9.87
C GLU B 20 -12.70 -19.95 -8.41
N THR B 21 -12.35 -19.00 -7.55
CA THR B 21 -12.77 -19.04 -6.15
C THR B 21 -14.22 -18.56 -5.94
N THR B 22 -14.54 -17.36 -6.44
CA THR B 22 -15.85 -16.79 -6.11
C THR B 22 -17.02 -17.61 -6.64
N ARG B 23 -16.89 -18.25 -7.77
CA ARG B 23 -18.00 -19.05 -8.29
C ARG B 23 -18.34 -20.20 -7.34
N LEU B 24 -17.37 -20.65 -6.55
CA LEU B 24 -17.58 -21.69 -5.54
C LEU B 24 -18.10 -21.14 -4.22
N ILE B 25 -17.54 -20.03 -3.73
CA ILE B 25 -17.77 -19.65 -2.34
C ILE B 25 -18.44 -18.29 -2.10
N ALA B 26 -18.88 -17.59 -3.14
CA ALA B 26 -19.49 -16.28 -2.93
C ALA B 26 -20.66 -16.36 -1.98
N GLU B 27 -21.44 -17.41 -2.04
CA GLU B 27 -22.60 -17.53 -1.14
C GLU B 27 -22.29 -18.29 0.16
N GLU B 28 -21.00 -18.57 0.36
CA GLU B 28 -20.56 -19.27 1.56
C GLU B 28 -19.85 -18.38 2.57
N VAL B 29 -19.64 -17.09 2.21
CA VAL B 29 -18.93 -16.13 3.02
C VAL B 29 -19.76 -14.86 3.11
N ASP B 30 -19.39 -13.99 4.04
CA ASP B 30 -20.08 -12.72 4.24
C ASP B 30 -19.51 -11.53 3.47
N ILE B 31 -18.20 -11.51 3.33
CA ILE B 31 -17.48 -10.39 2.75
C ILE B 31 -16.54 -10.92 1.68
N ILE B 32 -16.55 -10.27 0.53
CA ILE B 32 -15.64 -10.59 -0.56
C ILE B 32 -14.58 -9.50 -0.62
N GLU B 33 -13.34 -9.85 -0.37
CA GLU B 33 -12.22 -8.94 -0.43
C GLU B 33 -11.49 -9.03 -1.76
N VAL B 34 -11.33 -7.87 -2.39
CA VAL B 34 -10.36 -7.66 -3.47
C VAL B 34 -9.01 -7.47 -2.80
N GLY B 35 -8.18 -8.50 -2.86
CA GLY B 35 -6.91 -8.44 -2.16
C GLY B 35 -5.98 -7.42 -2.76
N THR B 36 -5.01 -7.01 -1.99
CA THR B 36 -4.06 -6.00 -2.47
C THR B 36 -3.42 -6.45 -3.77
N ILE B 37 -3.03 -7.71 -3.87
CA ILE B 37 -2.37 -8.07 -5.14
C ILE B 37 -3.34 -8.08 -6.30
N LEU B 38 -4.63 -8.33 -6.06
CA LEU B 38 -5.62 -8.19 -7.15
C LEU B 38 -5.82 -6.70 -7.49
N CYS B 39 -5.83 -5.83 -6.50
CA CYS B 39 -5.91 -4.38 -6.74
C CYS B 39 -4.73 -3.93 -7.61
N VAL B 40 -3.53 -4.42 -7.32
CA VAL B 40 -2.33 -4.02 -8.05
C VAL B 40 -2.26 -4.78 -9.39
N GLY B 41 -2.77 -6.00 -9.44
CA GLY B 41 -2.77 -6.81 -10.63
C GLY B 41 -3.72 -6.33 -11.74
N GLU B 42 -4.94 -6.01 -11.36
CA GLU B 42 -6.00 -5.63 -12.29
C GLU B 42 -6.45 -4.17 -12.17
N GLY B 43 -6.14 -3.54 -11.07
CA GLY B 43 -6.63 -2.21 -10.80
C GLY B 43 -8.08 -2.26 -10.36
N VAL B 44 -8.66 -1.09 -10.23
CA VAL B 44 -9.93 -0.94 -9.57
C VAL B 44 -11.11 -1.56 -10.34
N ARG B 45 -10.90 -1.92 -11.59
CA ARG B 45 -11.92 -2.70 -12.26
C ARG B 45 -12.27 -3.97 -11.48
N ALA B 46 -11.34 -4.50 -10.68
CA ALA B 46 -11.62 -5.68 -9.90
C ALA B 46 -12.77 -5.45 -8.94
N VAL B 47 -12.76 -4.28 -8.30
CA VAL B 47 -13.83 -3.92 -7.39
C VAL B 47 -15.15 -3.79 -8.14
N ARG B 48 -15.14 -3.06 -9.24
CA ARG B 48 -16.35 -2.82 -10.02
C ARG B 48 -16.96 -4.14 -10.50
N ASP B 49 -16.12 -5.00 -11.07
CA ASP B 49 -16.59 -6.26 -11.63
C ASP B 49 -17.13 -7.19 -10.55
N LEU B 50 -16.43 -7.31 -9.43
CA LEU B 50 -16.88 -8.18 -8.37
C LEU B 50 -18.18 -7.66 -7.71
N LYS B 51 -18.32 -6.34 -7.52
CA LYS B 51 -19.58 -5.85 -6.98
C LYS B 51 -20.72 -6.05 -7.96
N ALA B 52 -20.45 -5.96 -9.25
CA ALA B 52 -21.49 -6.21 -10.23
C ALA B 52 -21.94 -7.67 -10.21
N LEU B 53 -21.02 -8.61 -9.96
CA LEU B 53 -21.38 -10.01 -9.85
C LEU B 53 -22.16 -10.31 -8.58
N TYR B 54 -21.78 -9.65 -7.48
CA TYR B 54 -22.25 -9.98 -6.14
C TYR B 54 -22.75 -8.73 -5.41
N PRO B 55 -23.77 -8.06 -5.98
CA PRO B 55 -24.12 -6.74 -5.45
C PRO B 55 -24.75 -6.76 -4.06
N HIS B 56 -25.23 -7.92 -3.64
CA HIS B 56 -25.79 -8.10 -2.32
C HIS B 56 -24.74 -8.37 -1.24
N LYS B 57 -23.47 -8.56 -1.62
CA LYS B 57 -22.43 -8.86 -0.66
C LYS B 57 -21.64 -7.59 -0.34
N ILE B 58 -21.05 -7.55 0.84
CA ILE B 58 -20.06 -6.54 1.17
C ILE B 58 -18.79 -6.81 0.36
N VAL B 59 -18.33 -5.80 -0.36
CA VAL B 59 -17.08 -5.85 -1.11
C VAL B 59 -16.06 -4.92 -0.48
N LEU B 60 -14.93 -5.48 -0.09
CA LEU B 60 -13.85 -4.76 0.57
C LEU B 60 -12.68 -4.64 -0.41
N ALA B 61 -12.14 -3.44 -0.59
CA ALA B 61 -10.94 -3.23 -1.38
C ALA B 61 -9.78 -3.10 -0.43
N ASP B 62 -8.89 -4.10 -0.42
CA ASP B 62 -7.74 -4.07 0.47
C ASP B 62 -6.62 -3.27 -0.17
N ALA B 63 -6.84 -1.97 -0.28
CA ALA B 63 -5.94 -1.06 -1.00
C ALA B 63 -4.77 -0.61 -0.16
N LYS B 64 -4.88 -0.70 1.15
CA LYS B 64 -3.81 -0.31 2.07
C LYS B 64 -3.30 1.10 1.74
N ILE B 65 -4.24 2.01 1.62
CA ILE B 65 -3.93 3.39 1.24
C ILE B 65 -2.96 4.00 2.23
N ALA B 66 -1.90 4.61 1.70
CA ALA B 66 -0.81 5.16 2.52
C ALA B 66 -0.72 6.68 2.46
N ASP B 67 -1.28 7.28 1.43
CA ASP B 67 -1.30 8.73 1.21
C ASP B 67 -2.30 8.96 0.08
N ALA B 68 -2.63 10.22 -0.16
CA ALA B 68 -3.63 10.61 -1.14
C ALA B 68 -4.97 9.90 -0.82
N GLY B 69 -5.38 10.02 0.42
CA GLY B 69 -6.52 9.31 0.94
C GLY B 69 -7.81 9.59 0.21
N LYS B 70 -8.08 10.86 -0.08
CA LYS B 70 -9.29 11.21 -0.80
C LYS B 70 -9.29 10.67 -2.21
N ILE B 71 -8.17 10.78 -2.92
CA ILE B 71 -8.09 10.37 -4.32
C ILE B 71 -8.27 8.85 -4.42
N LEU B 72 -7.49 8.09 -3.64
CA LEU B 72 -7.55 6.62 -3.75
C LEU B 72 -8.86 6.07 -3.22
N SER B 73 -9.37 6.63 -2.14
CA SER B 73 -10.64 6.19 -1.65
C SER B 73 -11.77 6.47 -2.63
N ARG B 74 -11.76 7.64 -3.27
CA ARG B 74 -12.76 7.95 -4.27
C ARG B 74 -12.70 6.95 -5.43
N MET B 75 -11.51 6.58 -5.86
CA MET B 75 -11.39 5.60 -6.95
C MET B 75 -12.07 4.30 -6.56
N CYS B 76 -11.85 3.84 -5.34
CA CYS B 76 -12.44 2.59 -4.89
C CYS B 76 -13.95 2.68 -4.71
N PHE B 77 -14.41 3.77 -4.13
CA PHE B 77 -15.85 3.96 -3.88
C PHE B 77 -16.60 4.23 -5.17
N GLU B 78 -16.01 4.94 -6.13
CA GLU B 78 -16.64 5.09 -7.44
C GLU B 78 -16.78 3.77 -8.19
N ALA B 79 -15.88 2.82 -7.88
CA ALA B 79 -15.96 1.45 -8.37
C ALA B 79 -16.90 0.56 -7.56
N ASN B 80 -17.61 1.13 -6.60
CA ASN B 80 -18.67 0.51 -5.82
C ASN B 80 -18.19 -0.36 -4.65
N ALA B 81 -16.99 -0.12 -4.16
CA ALA B 81 -16.57 -0.73 -2.89
C ALA B 81 -17.52 -0.35 -1.76
N ASP B 82 -17.64 -1.23 -0.78
CA ASP B 82 -18.30 -0.90 0.48
C ASP B 82 -17.31 -0.46 1.55
N TRP B 83 -16.18 -1.12 1.63
CA TRP B 83 -15.14 -0.86 2.64
C TRP B 83 -13.80 -0.73 1.93
N VAL B 84 -12.91 0.10 2.46
CA VAL B 84 -11.53 0.21 2.00
C VAL B 84 -10.58 0.17 3.15
N THR B 85 -9.35 -0.27 2.93
CA THR B 85 -8.34 -0.24 3.97
C THR B 85 -7.32 0.88 3.76
N VAL B 86 -6.88 1.43 4.89
CA VAL B 86 -5.85 2.46 5.01
C VAL B 86 -4.76 1.86 5.90
N ILE B 87 -3.51 1.93 5.47
CA ILE B 87 -2.44 1.34 6.24
C ILE B 87 -2.13 2.16 7.49
N CYS B 88 -1.76 1.48 8.57
CA CYS B 88 -1.63 2.13 9.88
C CYS B 88 -0.56 3.22 9.95
N CYS B 89 0.47 3.15 9.12
CA CYS B 89 1.49 4.19 9.18
C CYS B 89 1.09 5.48 8.47
N ALA B 90 -0.02 5.51 7.76
CA ALA B 90 -0.43 6.69 7.02
C ALA B 90 -0.57 7.89 7.95
N ASP B 91 -0.27 9.06 7.43
CA ASP B 91 -0.59 10.31 8.14
C ASP B 91 -2.06 10.29 8.56
N ILE B 92 -2.38 10.85 9.73
CA ILE B 92 -3.75 10.83 10.20
C ILE B 92 -4.70 11.51 9.21
N ASN B 93 -4.22 12.53 8.48
CA ASN B 93 -5.04 13.20 7.47
C ASN B 93 -5.41 12.32 6.28
N THR B 94 -4.58 11.32 6.02
CA THR B 94 -4.92 10.31 5.02
C THR B 94 -6.14 9.47 5.45
N ALA B 95 -6.10 8.99 6.70
CA ALA B 95 -7.25 8.26 7.25
C ALA B 95 -8.49 9.11 7.24
N LYS B 96 -8.34 10.37 7.65
CA LYS B 96 -9.49 11.27 7.71
C LYS B 96 -10.06 11.54 6.33
N GLY B 97 -9.19 11.75 5.35
CA GLY B 97 -9.65 12.01 3.99
C GLY B 97 -10.37 10.81 3.40
N ALA B 98 -9.84 9.60 3.63
CA ALA B 98 -10.48 8.37 3.15
C ALA B 98 -11.84 8.19 3.80
N LEU B 99 -11.92 8.46 5.11
CA LEU B 99 -13.18 8.32 5.82
C LEU B 99 -14.23 9.32 5.33
N ASP B 100 -13.81 10.55 5.04
CA ASP B 100 -14.76 11.54 4.56
C ASP B 100 -15.38 11.13 3.24
N VAL B 101 -14.57 10.58 2.34
CA VAL B 101 -15.10 10.06 1.09
C VAL B 101 -16.00 8.85 1.33
N ALA B 102 -15.56 7.95 2.20
CA ALA B 102 -16.35 6.75 2.50
C ALA B 102 -17.76 7.12 2.93
N LYS B 103 -17.88 8.16 3.76
CA LYS B 103 -19.18 8.56 4.28
C LYS B 103 -20.09 9.03 3.14
N GLU B 104 -19.53 9.69 2.14
CA GLU B 104 -20.31 10.13 0.96
C GLU B 104 -20.96 8.99 0.21
N PHE B 105 -20.31 7.83 0.26
CA PHE B 105 -20.78 6.61 -0.42
C PHE B 105 -21.47 5.59 0.50
N ASN B 106 -21.74 5.99 1.75
CA ASN B 106 -22.27 5.10 2.76
C ASN B 106 -21.42 3.87 2.98
N GLY B 107 -20.11 4.08 2.90
CA GLY B 107 -19.10 3.06 3.11
C GLY B 107 -18.33 3.25 4.38
N ASP B 108 -17.22 2.56 4.50
CA ASP B 108 -16.42 2.60 5.72
C ASP B 108 -14.96 2.36 5.40
N VAL B 109 -14.12 2.71 6.36
CA VAL B 109 -12.69 2.53 6.31
C VAL B 109 -12.23 1.64 7.45
N GLN B 110 -11.25 0.79 7.17
CA GLN B 110 -10.57 0.00 8.21
C GLN B 110 -9.11 0.40 8.19
N ILE B 111 -8.47 0.43 9.36
CA ILE B 111 -7.02 0.58 9.44
C ILE B 111 -6.37 -0.80 9.46
N GLU B 112 -5.45 -1.01 8.53
CA GLU B 112 -4.68 -2.24 8.43
C GLU B 112 -3.48 -2.14 9.36
N LEU B 113 -3.41 -3.03 10.36
CA LEU B 113 -2.34 -2.98 11.37
C LEU B 113 -1.13 -3.81 11.04
N THR B 114 0.02 -3.12 11.12
CA THR B 114 1.33 -3.65 10.78
C THR B 114 2.44 -2.70 11.30
N GLY B 115 3.67 -3.21 11.42
CA GLY B 115 4.78 -2.37 11.80
C GLY B 115 4.73 -2.01 13.27
N TYR B 116 5.39 -0.92 13.65
CA TYR B 116 5.44 -0.55 15.06
C TYR B 116 4.40 0.50 15.39
N TRP B 117 3.12 0.24 15.04
CA TRP B 117 2.06 1.19 15.41
C TRP B 117 1.98 1.26 16.93
N THR B 118 1.45 2.37 17.42
CA THR B 118 1.41 2.65 18.84
C THR B 118 0.01 2.87 19.30
N TRP B 119 -0.18 2.76 20.60
CA TRP B 119 -1.48 2.96 21.20
C TRP B 119 -1.98 4.40 21.10
N GLU B 120 -1.07 5.37 21.11
CA GLU B 120 -1.45 6.76 20.89
C GLU B 120 -2.01 6.98 19.47
N GLN B 121 -1.40 6.34 18.47
CA GLN B 121 -1.95 6.34 17.11
C GLN B 121 -3.33 5.69 17.05
N ALA B 122 -3.50 4.60 17.76
CA ALA B 122 -4.81 3.95 17.84
C ALA B 122 -5.86 4.91 18.38
N GLN B 123 -5.50 5.67 19.42
CA GLN B 123 -6.42 6.68 19.95
C GLN B 123 -6.72 7.78 18.91
N GLN B 124 -5.71 8.17 18.13
CA GLN B 124 -5.92 9.11 17.04
C GLN B 124 -6.95 8.58 16.03
N TRP B 125 -6.88 7.28 15.70
CA TRP B 125 -7.84 6.70 14.76
C TRP B 125 -9.21 6.76 15.37
N ARG B 126 -9.36 6.40 16.66
CA ARG B 126 -10.68 6.49 17.29
C ARG B 126 -11.20 7.92 17.28
N ASP B 127 -10.34 8.87 17.60
CA ASP B 127 -10.74 10.29 17.68
C ASP B 127 -11.19 10.81 16.32
N ALA B 128 -10.60 10.25 15.26
CA ALA B 128 -10.96 10.59 13.88
C ALA B 128 -12.26 9.93 13.42
N GLY B 129 -12.79 9.01 14.22
CA GLY B 129 -14.03 8.35 13.91
C GLY B 129 -13.89 7.01 13.17
N ILE B 130 -12.67 6.46 13.16
CA ILE B 130 -12.43 5.12 12.60
C ILE B 130 -12.97 4.10 13.59
N GLY B 131 -13.77 3.17 13.09
CA GLY B 131 -14.39 2.14 13.92
C GLY B 131 -13.97 0.70 13.64
N GLN B 132 -13.04 0.48 12.72
CA GLN B 132 -12.59 -0.88 12.35
C GLN B 132 -11.10 -0.88 12.20
N VAL B 133 -10.49 -1.94 12.72
CA VAL B 133 -9.09 -2.24 12.50
C VAL B 133 -8.94 -3.70 12.08
N VAL B 134 -7.87 -3.96 11.35
CA VAL B 134 -7.55 -5.29 10.89
C VAL B 134 -6.24 -5.70 11.56
N TYR B 135 -6.34 -6.63 12.52
CA TYR B 135 -5.19 -7.15 13.22
C TYR B 135 -4.61 -8.29 12.40
N HIS B 136 -3.49 -8.02 11.76
CA HIS B 136 -2.97 -8.84 10.70
C HIS B 136 -1.57 -9.38 11.06
N ARG B 137 -1.44 -10.70 11.16
CA ARG B 137 -0.14 -11.33 11.20
C ARG B 137 0.39 -11.37 9.77
N SER B 138 1.46 -10.65 9.50
CA SER B 138 2.06 -10.62 8.18
C SER B 138 2.34 -12.01 7.61
N ARG B 139 2.00 -12.20 6.36
CA ARG B 139 2.36 -13.44 5.68
C ARG B 139 3.86 -13.71 5.71
N ASP B 140 4.65 -12.67 5.51
CA ASP B 140 6.09 -12.80 5.52
C ASP B 140 6.64 -13.10 6.91
N ALA B 141 6.02 -12.53 7.94
CA ALA B 141 6.37 -12.87 9.31
C ALA B 141 6.02 -14.32 9.62
N GLN B 142 4.83 -14.75 9.24
CA GLN B 142 4.44 -16.14 9.37
C GLN B 142 5.46 -17.07 8.72
N ALA B 143 5.90 -16.75 7.52
CA ALA B 143 6.88 -17.59 6.82
C ALA B 143 8.21 -17.64 7.55
N ALA B 144 8.52 -16.60 8.32
CA ALA B 144 9.73 -16.51 9.15
C ALA B 144 9.52 -17.13 10.54
N GLY B 145 8.40 -17.84 10.73
CA GLY B 145 8.15 -18.60 11.95
C GLY B 145 7.32 -17.92 13.01
N VAL B 146 6.80 -16.72 12.74
CA VAL B 146 6.00 -16.02 13.73
C VAL B 146 4.64 -16.69 13.91
N ALA B 147 4.35 -17.17 15.13
CA ALA B 147 3.10 -17.81 15.48
C ALA B 147 2.13 -16.82 16.11
N TRP B 148 0.84 -17.12 16.04
CA TRP B 148 -0.17 -16.45 16.85
C TRP B 148 0.05 -16.79 18.31
N GLY B 149 -0.12 -15.82 19.19
CA GLY B 149 0.17 -16.03 20.62
C GLY B 149 -0.36 -14.96 21.55
N GLU B 150 0.22 -14.91 22.74
CA GLU B 150 -0.34 -14.19 23.88
C GLU B 150 -0.43 -12.69 23.67
N ALA B 151 0.64 -12.10 23.16
CA ALA B 151 0.68 -10.65 22.95
C ALA B 151 -0.39 -10.23 21.95
N ASP B 152 -0.74 -11.11 21.03
CA ASP B 152 -1.80 -10.83 20.05
C ASP B 152 -3.16 -10.77 20.71
N ILE B 153 -3.48 -11.74 21.57
CA ILE B 153 -4.75 -11.76 22.28
C ILE B 153 -4.91 -10.50 23.13
N THR B 154 -3.83 -10.15 23.84
CA THR B 154 -3.86 -8.94 24.67
C THR B 154 -4.14 -7.70 23.84
N ALA B 155 -3.44 -7.56 22.72
CA ALA B 155 -3.61 -6.39 21.87
C ALA B 155 -5.00 -6.35 21.23
N ILE B 156 -5.51 -7.49 20.78
CA ILE B 156 -6.83 -7.57 20.16
C ILE B 156 -7.92 -7.15 21.15
N LYS B 157 -7.79 -7.65 22.38
CA LYS B 157 -8.75 -7.29 23.43
C LYS B 157 -8.72 -5.79 23.74
N ARG B 158 -7.51 -5.22 23.79
CA ARG B 158 -7.36 -3.80 24.06
C ARG B 158 -7.97 -2.96 22.93
N LEU B 159 -7.75 -3.37 21.67
CA LEU B 159 -8.36 -2.64 20.54
C LEU B 159 -9.87 -2.71 20.62
N SER B 160 -10.39 -3.87 20.93
CA SER B 160 -11.82 -4.01 21.10
C SER B 160 -12.36 -3.11 22.22
N ASP B 161 -11.65 -3.05 23.33
CA ASP B 161 -12.05 -2.23 24.49
C ASP B 161 -12.02 -0.72 24.15
N MET B 162 -11.15 -0.33 23.22
CA MET B 162 -11.10 1.05 22.73
C MET B 162 -12.28 1.41 21.85
N GLY B 163 -13.07 0.41 21.45
CA GLY B 163 -14.27 0.64 20.67
C GLY B 163 -14.16 0.26 19.19
N PHE B 164 -13.05 -0.31 18.77
CA PHE B 164 -12.92 -0.82 17.40
C PHE B 164 -13.62 -2.17 17.25
N LYS B 165 -14.21 -2.38 16.10
CA LYS B 165 -14.56 -3.73 15.63
C LYS B 165 -13.31 -4.29 14.99
N VAL B 166 -12.83 -5.42 15.52
CA VAL B 166 -11.57 -5.98 15.12
C VAL B 166 -11.73 -7.16 14.19
N THR B 167 -11.08 -7.08 13.04
CA THR B 167 -10.91 -8.21 12.12
C THR B 167 -9.59 -8.89 12.44
N VAL B 168 -9.57 -10.24 12.45
CA VAL B 168 -8.35 -11.00 12.66
C VAL B 168 -8.03 -11.75 11.37
N THR B 169 -6.77 -11.70 10.99
CA THR B 169 -6.32 -12.31 9.75
C THR B 169 -4.84 -12.59 9.76
N GLY B 170 -4.43 -13.57 8.97
CA GLY B 170 -3.04 -13.79 8.63
C GLY B 170 -2.70 -15.26 8.67
N GLY B 171 -2.90 -15.93 7.55
CA GLY B 171 -2.68 -17.35 7.44
C GLY B 171 -3.49 -18.16 8.42
N LEU B 172 -4.69 -17.74 8.75
CA LEU B 172 -5.50 -18.52 9.67
C LEU B 172 -5.85 -19.86 9.05
N ALA B 173 -5.71 -20.85 9.91
CA ALA B 173 -6.20 -22.21 9.70
C ALA B 173 -7.29 -22.45 10.72
N LEU B 174 -8.07 -23.49 10.46
CA LEU B 174 -9.15 -23.86 11.37
C LEU B 174 -8.68 -23.97 12.81
N GLU B 175 -7.52 -24.59 13.01
CA GLU B 175 -7.03 -24.88 14.34
C GLU B 175 -6.63 -23.63 15.10
N ASP B 176 -6.52 -22.49 14.41
CA ASP B 176 -6.20 -21.25 15.07
C ASP B 176 -7.41 -20.61 15.73
N LEU B 177 -8.60 -20.92 15.27
CA LEU B 177 -9.77 -20.22 15.75
C LEU B 177 -9.97 -20.25 17.27
N PRO B 178 -9.77 -21.40 17.94
CA PRO B 178 -10.00 -21.45 19.39
C PRO B 178 -9.13 -20.48 20.22
N LEU B 179 -8.01 -20.05 19.67
CA LEU B 179 -7.14 -19.08 20.34
C LEU B 179 -7.89 -17.79 20.66
N PHE B 180 -8.90 -17.48 19.84
CA PHE B 180 -9.59 -16.21 19.92
C PHE B 180 -10.94 -16.31 20.62
N LYS B 181 -11.29 -17.51 21.07
CA LYS B 181 -12.57 -17.73 21.74
C LYS B 181 -12.76 -16.73 22.90
N GLY B 182 -13.99 -16.26 23.08
CA GLY B 182 -14.31 -15.36 24.17
C GLY B 182 -14.12 -13.87 23.88
N ILE B 183 -13.56 -13.54 22.70
CA ILE B 183 -13.32 -12.16 22.28
C ILE B 183 -14.33 -11.84 21.20
N PRO B 184 -14.96 -10.68 21.21
CA PRO B 184 -15.98 -10.36 20.22
C PRO B 184 -15.41 -9.92 18.86
N ILE B 185 -14.74 -10.85 18.20
CA ILE B 185 -14.13 -10.62 16.91
C ILE B 185 -15.22 -10.32 15.88
N HIS B 186 -15.01 -9.28 15.08
CA HIS B 186 -16.00 -8.87 14.10
C HIS B 186 -15.97 -9.77 12.86
N VAL B 187 -14.78 -10.06 12.36
CA VAL B 187 -14.56 -10.81 11.12
C VAL B 187 -13.27 -11.60 11.24
N PHE B 188 -13.31 -12.84 10.75
CA PHE B 188 -12.10 -13.60 10.41
C PHE B 188 -11.97 -13.61 8.90
N ILE B 189 -10.77 -13.35 8.42
CA ILE B 189 -10.45 -13.47 7.01
C ILE B 189 -9.69 -14.76 6.77
N ALA B 190 -10.05 -15.47 5.70
CA ALA B 190 -9.24 -16.56 5.18
C ALA B 190 -9.00 -16.34 3.68
N GLY B 191 -7.73 -16.39 3.31
CA GLY B 191 -7.31 -16.36 1.93
C GLY B 191 -6.88 -17.75 1.52
N ARG B 192 -5.62 -18.07 1.76
CA ARG B 192 -5.07 -19.35 1.35
C ARG B 192 -5.88 -20.56 1.85
N SER B 193 -6.33 -20.52 3.08
CA SER B 193 -7.02 -21.69 3.64
C SER B 193 -8.33 -22.01 2.97
N ILE B 194 -8.94 -21.05 2.28
CA ILE B 194 -10.09 -21.29 1.45
C ILE B 194 -9.70 -21.52 0.00
N ARG B 195 -8.95 -20.59 -0.57
CA ARG B 195 -8.70 -20.65 -2.01
C ARG B 195 -7.96 -21.91 -2.41
N ASP B 196 -7.02 -22.35 -1.58
CA ASP B 196 -6.09 -23.42 -1.96
C ASP B 196 -6.53 -24.77 -1.40
N ALA B 197 -7.70 -24.84 -0.75
CA ALA B 197 -8.22 -26.11 -0.24
C ALA B 197 -8.61 -27.03 -1.40
N ALA B 198 -8.57 -28.33 -1.15
CA ALA B 198 -9.06 -29.30 -2.15
C ALA B 198 -10.51 -28.99 -2.53
N SER B 199 -11.31 -28.60 -1.53
CA SER B 199 -12.68 -28.12 -1.73
C SER B 199 -12.87 -26.78 -1.02
N PRO B 200 -12.75 -25.67 -1.76
CA PRO B 200 -12.99 -24.35 -1.16
C PRO B 200 -14.34 -24.24 -0.46
N VAL B 201 -15.39 -24.84 -1.02
CA VAL B 201 -16.70 -24.77 -0.39
C VAL B 201 -16.67 -25.43 0.99
N GLU B 202 -16.09 -26.63 1.06
CA GLU B 202 -16.03 -27.33 2.33
C GLU B 202 -15.11 -26.62 3.33
N ALA B 203 -14.02 -26.02 2.87
CA ALA B 203 -13.19 -25.24 3.76
C ALA B 203 -13.96 -24.05 4.37
N ALA B 204 -14.70 -23.32 3.54
CA ALA B 204 -15.51 -22.22 4.06
C ALA B 204 -16.56 -22.70 5.04
N ARG B 205 -17.23 -23.81 4.71
CA ARG B 205 -18.22 -24.36 5.61
C ARG B 205 -17.64 -24.82 6.94
N GLN B 206 -16.43 -25.39 6.92
CA GLN B 206 -15.78 -25.79 8.17
C GLN B 206 -15.48 -24.58 9.04
N PHE B 207 -14.98 -23.50 8.43
CA PHE B 207 -14.77 -22.26 9.19
C PHE B 207 -16.10 -21.81 9.83
N LYS B 208 -17.17 -21.78 9.05
CA LYS B 208 -18.45 -21.35 9.59
C LYS B 208 -18.93 -22.26 10.70
N ARG B 209 -18.80 -23.59 10.57
CA ARG B 209 -19.23 -24.48 11.63
C ARG B 209 -18.43 -24.24 12.90
N SER B 210 -17.13 -24.05 12.76
CA SER B 210 -16.31 -23.86 13.92
C SER B 210 -16.64 -22.54 14.61
N ILE B 211 -16.81 -21.47 13.84
CA ILE B 211 -17.19 -20.20 14.41
C ILE B 211 -18.51 -20.33 15.19
N ALA B 212 -19.47 -21.03 14.61
CA ALA B 212 -20.79 -21.16 15.23
C ALA B 212 -20.71 -21.90 16.56
N GLU B 213 -19.78 -22.85 16.66
CA GLU B 213 -19.57 -23.57 17.92
C GLU B 213 -18.83 -22.71 18.93
N LEU B 214 -17.74 -22.09 18.51
CA LEU B 214 -16.89 -21.33 19.42
C LEU B 214 -17.53 -20.07 19.98
N TRP B 215 -18.42 -19.45 19.21
CA TRP B 215 -19.13 -18.23 19.63
C TRP B 215 -20.61 -18.45 19.83
N GLY B 216 -21.05 -19.71 19.82
CA GLY B 216 -22.46 -20.04 20.02
C GLY B 216 -22.77 -20.07 21.51
MG MG C . 4.56 8.08 -5.92
C1 LG6 D . 1.84 9.87 -3.88
O2A LG6 D . 1.65 8.65 -1.88
C2 LG6 D . 1.55 8.61 -3.13
O2B LG6 D . 1.27 7.57 -3.78
O1 LG6 D . 1.26 10.99 -3.22
C3 LG6 D . 3.36 10.10 -3.95
O3 LG6 D . 4.05 8.85 -4.02
C4 LG6 D . 3.71 10.99 -5.14
C5 LG6 D . 4.92 11.90 -4.87
O4 LG6 D . 3.95 10.16 -6.28
C6 LG6 D . 5.25 12.81 -6.05
O5 LG6 D . 6.08 11.16 -4.49
P LG6 D . 3.93 15.08 -6.05
O6 LG6 D . 4.12 13.54 -6.50
O1P LG6 D . 3.76 15.15 -4.55
O2P LG6 D . 2.71 15.50 -6.82
O3P LG6 D . 5.19 15.83 -6.50
MG MG E . -5.84 -8.68 2.19
C1 LG6 F . -2.24 -10.03 2.23
O2A LG6 F . -0.99 -8.23 2.91
C2 LG6 F . -1.71 -8.67 2.01
O2B LG6 F . -2.10 -8.08 1.01
O1 LG6 F . -1.22 -10.94 2.58
C3 LG6 F . -3.30 -10.01 3.36
O3 LG6 F . -4.08 -8.78 3.31
C4 LG6 F . -4.24 -11.22 3.14
C5 LG6 F . -4.78 -11.81 4.44
O4 LG6 F . -5.33 -10.79 2.28
C6 LG6 F . -5.69 -13.03 4.21
O5 LG6 F . -5.49 -10.85 5.22
P LG6 F . -4.32 -15.31 4.11
O6 LG6 F . -5.01 -14.00 3.41
O1P LG6 F . -3.17 -14.84 4.96
O2P LG6 F . -3.90 -16.10 2.92
O3P LG6 F . -5.42 -15.98 4.92
#